data_1B3G
#
_entry.id   1B3G
#
_cell.length_a   109.690
_cell.length_b   76.110
_cell.length_c   70.250
_cell.angle_alpha   90.00
_cell.angle_beta   90.00
_cell.angle_gamma   90.00
#
_symmetry.space_group_name_H-M   'P 21 21 21'
#
loop_
_entity.id
_entity.type
_entity.pdbx_description
1 polymer 'PROTEIN (OLIGO-PEPTIDE BINDING PROTEIN)'
2 polymer 'PROTEIN (LYS-ILE-LYS)'
3 non-polymer 'URANYL (VI) ION'
4 water water
#
loop_
_entity_poly.entity_id
_entity_poly.type
_entity_poly.pdbx_seq_one_letter_code
_entity_poly.pdbx_strand_id
1 'polypeptide(L)'
;ADVPAGVQLADKQTLVRNNGSEVQSLDPHKIEGVPESNVSRDLFEGLLISDVEGHPSPGVAEKWENKDFKVWTFHLRENA
KWSDGTPVTAHDFVYSWQRLADPNTASPYASYLQYGHIANIDDIIAGKKPATDLGVKALDDHTFEVTLSEPVPYFYKLLV
HPSVSPVPKSAVEKFGDKWTQPANIVTNGAYKLKNWVVNERIVLERNPQYWDNAKTVINQVTYLPISSEVTDVNRYRSGE
IDMTYNNMPIELFQKLKKEIPNEVRVDPYLCTYYYEINNQKAPFNDVRVRTALKLALDRDIIVNKVKNQGDLPAYSYTPP
YTDGAKLVEPEWFKWSQQKRNEEAKKLLAEAGFTADKPLTFDLLYNTSDLHKKLAIAVASIWKKNLGVNVNLENQEWKTF
LDTRHQGTFDVARAGWCADYNEPTSFLNTMLSDSSNNTAHYKSPAFDKLIADTLKVADDTQRSELYAKAEQQLDKDSAIV
PVYYYVNARLVKPWVGGYTGKDPLDNIYVKNLYIIKH
;
A
2 'polypeptide(L)' KIK B
#
loop_
_chem_comp.id
_chem_comp.type
_chem_comp.name
_chem_comp.formula
IUM non-polymer 'URANYL (VI) ION' 'O2 U 2'
#
# COMPACT_ATOMS: atom_id res chain seq x y z
N ALA A 1 21.26 10.08 4.91
CA ALA A 1 21.18 9.59 6.30
C ALA A 1 21.84 10.58 7.26
N ASP A 2 21.34 10.71 8.48
CA ASP A 2 22.01 11.55 9.48
C ASP A 2 22.74 10.65 10.47
N VAL A 3 24.01 10.31 10.28
CA VAL A 3 24.70 9.43 11.23
C VAL A 3 25.08 10.14 12.52
N PRO A 4 24.58 9.70 13.67
CA PRO A 4 24.83 10.33 14.96
C PRO A 4 26.31 10.43 15.26
N ALA A 5 26.69 11.51 15.95
CA ALA A 5 28.08 11.76 16.32
C ALA A 5 28.59 10.61 17.21
N GLY A 6 29.80 10.12 16.98
CA GLY A 6 30.27 9.02 17.81
C GLY A 6 29.91 7.64 17.27
N VAL A 7 29.04 7.49 16.27
CA VAL A 7 28.82 6.13 15.79
C VAL A 7 29.97 5.85 14.82
N GLN A 8 30.48 4.63 14.89
CA GLN A 8 31.53 4.20 14.00
C GLN A 8 30.86 3.45 12.84
N LEU A 9 31.14 3.79 11.60
CA LEU A 9 30.52 3.11 10.49
C LEU A 9 31.31 1.91 9.97
N ALA A 10 30.62 0.89 9.50
CA ALA A 10 31.31 -0.24 8.92
C ALA A 10 32.01 0.21 7.65
N ASP A 11 33.11 -0.43 7.32
CA ASP A 11 33.88 -0.18 6.13
C ASP A 11 32.97 -0.47 4.92
N LYS A 12 32.24 -1.58 4.99
CA LYS A 12 31.37 -2.00 3.89
C LYS A 12 29.92 -1.55 4.12
N GLN A 13 29.49 -0.61 3.27
CA GLN A 13 28.10 -0.09 3.46
C GLN A 13 27.14 -0.65 2.48
N THR A 14 26.71 -1.89 2.70
CA THR A 14 25.78 -2.65 1.88
C THR A 14 24.64 -3.16 2.78
N LEU A 15 23.49 -3.41 2.17
CA LEU A 15 22.32 -3.84 2.94
C LEU A 15 21.58 -4.87 2.15
N VAL A 16 20.96 -5.84 2.80
CA VAL A 16 20.16 -6.86 2.12
C VAL A 16 18.80 -6.86 2.83
N ARG A 17 17.74 -6.62 2.07
CA ARG A 17 16.39 -6.55 2.62
C ARG A 17 15.55 -7.59 1.95
N ASN A 18 14.67 -8.27 2.71
CA ASN A 18 13.73 -9.15 2.05
C ASN A 18 12.55 -8.22 1.63
N ASN A 19 11.93 -8.51 0.51
CA ASN A 19 10.84 -7.65 -0.02
C ASN A 19 9.57 -8.40 -0.31
N GLY A 20 9.43 -9.59 0.31
CA GLY A 20 8.18 -10.35 0.24
C GLY A 20 7.89 -11.11 -1.00
N SER A 21 8.15 -10.59 -2.21
CA SER A 21 7.85 -11.25 -3.46
C SER A 21 8.54 -10.53 -4.64
N GLU A 22 8.35 -11.11 -5.79
CA GLU A 22 8.88 -10.53 -7.02
C GLU A 22 7.97 -9.33 -7.37
N VAL A 23 8.50 -8.18 -7.76
CA VAL A 23 7.65 -7.01 -7.95
C VAL A 23 6.84 -7.17 -9.22
N GLN A 24 5.71 -6.50 -9.27
CA GLN A 24 4.92 -6.49 -10.49
C GLN A 24 5.73 -5.78 -11.60
N SER A 25 6.48 -4.74 -11.29
CA SER A 25 7.15 -3.90 -12.26
C SER A 25 8.03 -2.92 -11.55
N LEU A 26 8.96 -2.25 -12.23
CA LEU A 26 9.67 -1.10 -11.65
C LEU A 26 9.14 0.22 -12.26
N ASP A 27 8.10 0.10 -13.08
CA ASP A 27 7.49 1.33 -13.66
C ASP A 27 6.52 1.88 -12.65
N PRO A 28 6.73 3.10 -12.15
CA PRO A 28 5.88 3.74 -11.17
C PRO A 28 4.41 3.87 -11.48
N HIS A 29 3.99 3.79 -12.74
CA HIS A 29 2.61 3.90 -13.16
C HIS A 29 2.01 2.51 -13.37
N LYS A 30 2.79 1.45 -13.16
CA LYS A 30 2.23 0.12 -13.34
C LYS A 30 2.20 -0.65 -12.00
N ILE A 31 2.41 0.00 -10.88
CA ILE A 31 2.53 -0.71 -9.61
C ILE A 31 1.50 -0.32 -8.59
N GLU A 32 1.24 -1.28 -7.64
CA GLU A 32 0.29 -0.84 -6.60
C GLU A 32 0.59 -1.47 -5.25
N GLY A 33 1.69 -2.24 -5.09
CA GLY A 33 1.81 -2.89 -3.74
C GLY A 33 2.98 -2.38 -2.92
N VAL A 34 3.14 -2.95 -1.72
CA VAL A 34 4.25 -2.60 -0.83
C VAL A 34 5.61 -2.99 -1.36
N PRO A 35 5.78 -4.24 -1.81
CA PRO A 35 7.05 -4.69 -2.37
C PRO A 35 7.48 -3.78 -3.53
N GLU A 36 6.49 -3.44 -4.40
CA GLU A 36 6.80 -2.52 -5.51
C GLU A 36 7.25 -1.17 -4.98
N SER A 37 6.53 -0.57 -4.02
CA SER A 37 6.87 0.76 -3.53
C SER A 37 8.16 0.84 -2.73
N ASN A 38 8.49 -0.29 -2.07
CA ASN A 38 9.77 -0.35 -1.33
C ASN A 38 10.94 -0.09 -2.29
N VAL A 39 10.91 -0.77 -3.43
CA VAL A 39 11.98 -0.53 -4.41
C VAL A 39 11.80 0.88 -5.06
N SER A 40 10.57 1.25 -5.42
CA SER A 40 10.32 2.56 -6.08
C SER A 40 10.83 3.73 -5.29
N ARG A 41 10.68 3.76 -3.95
CA ARG A 41 11.19 4.86 -3.18
C ARG A 41 12.70 5.09 -3.32
N ASP A 42 13.51 4.04 -3.53
CA ASP A 42 14.93 4.21 -3.69
C ASP A 42 15.25 4.66 -5.14
N LEU A 43 14.40 4.32 -6.10
CA LEU A 43 14.81 4.71 -7.47
C LEU A 43 14.22 6.04 -7.99
N PHE A 44 12.97 6.30 -7.68
CA PHE A 44 12.22 7.46 -8.20
C PHE A 44 11.73 8.34 -7.09
N GLU A 45 12.10 9.64 -7.24
CA GLU A 45 11.68 10.63 -6.24
C GLU A 45 10.66 11.66 -6.76
N GLY A 46 9.55 11.84 -6.06
CA GLY A 46 8.50 12.77 -6.42
C GLY A 46 8.79 14.17 -5.90
N LEU A 47 7.72 14.98 -5.82
CA LEU A 47 7.81 16.36 -5.40
C LEU A 47 8.19 16.44 -3.91
N LEU A 48 7.57 15.59 -3.11
CA LEU A 48 7.84 15.46 -1.68
C LEU A 48 8.22 14.01 -1.33
N ILE A 49 8.89 13.84 -0.17
CA ILE A 49 9.21 12.47 0.29
C ILE A 49 8.89 12.46 1.78
N SER A 50 8.81 11.28 2.39
CA SER A 50 8.65 11.21 3.83
C SER A 50 10.01 11.36 4.49
N ASP A 51 10.10 12.05 5.61
CA ASP A 51 11.39 12.07 6.34
C ASP A 51 11.54 10.72 7.09
N VAL A 52 12.52 10.53 7.97
CA VAL A 52 12.68 9.25 8.65
C VAL A 52 11.55 8.91 9.59
N GLU A 53 10.73 9.88 9.96
CA GLU A 53 9.62 9.64 10.86
C GLU A 53 8.31 9.66 10.10
N GLY A 54 8.39 9.77 8.76
CA GLY A 54 7.13 9.71 7.99
C GLY A 54 6.53 11.06 7.64
N HIS A 55 7.07 12.18 8.09
CA HIS A 55 6.36 13.46 7.83
C HIS A 55 6.62 13.85 6.36
N PRO A 56 5.64 14.38 5.66
CA PRO A 56 5.82 14.85 4.28
C PRO A 56 6.93 15.87 4.25
N SER A 57 7.97 15.81 3.43
CA SER A 57 9.08 16.77 3.49
C SER A 57 9.53 16.99 2.05
N PRO A 58 10.41 17.96 1.86
CA PRO A 58 10.84 18.29 0.49
C PRO A 58 11.42 17.14 -0.27
N GLY A 59 10.97 16.95 -1.52
CA GLY A 59 11.52 15.90 -2.39
C GLY A 59 12.26 16.65 -3.53
N VAL A 60 11.81 16.54 -4.77
CA VAL A 60 12.38 17.38 -5.83
C VAL A 60 11.97 18.82 -5.58
N ALA A 61 10.79 19.01 -5.02
CA ALA A 61 10.26 20.31 -4.62
C ALA A 61 10.90 20.76 -3.32
N GLU A 62 11.63 21.90 -3.33
CA GLU A 62 12.26 22.33 -2.09
C GLU A 62 11.30 23.17 -1.26
N LYS A 63 10.30 23.74 -1.94
CA LYS A 63 9.29 24.51 -1.25
C LYS A 63 8.06 24.71 -2.14
N TRP A 64 6.91 24.97 -1.50
CA TRP A 64 5.66 25.04 -2.27
C TRP A 64 4.68 25.93 -1.52
N GLU A 65 3.65 26.37 -2.25
CA GLU A 65 2.60 27.18 -1.67
C GLU A 65 1.29 26.73 -2.31
N ASN A 66 0.21 27.19 -1.73
CA ASN A 66 -1.10 26.91 -2.25
C ASN A 66 -1.92 28.21 -2.15
N LYS A 67 -2.86 28.30 -3.04
CA LYS A 67 -3.87 29.34 -3.02
C LYS A 67 -5.22 28.65 -2.84
N ASP A 68 -5.86 28.90 -1.72
CA ASP A 68 -7.17 28.35 -1.41
C ASP A 68 -7.25 26.81 -1.43
N PHE A 69 -6.11 26.12 -1.24
CA PHE A 69 -6.01 24.67 -1.30
C PHE A 69 -6.40 24.14 -2.64
N LYS A 70 -6.34 24.97 -3.70
CA LYS A 70 -6.83 24.58 -5.01
C LYS A 70 -5.76 24.69 -6.07
N VAL A 71 -4.87 25.67 -5.92
CA VAL A 71 -3.78 25.82 -6.84
C VAL A 71 -2.49 25.66 -6.02
N TRP A 72 -1.73 24.64 -6.32
CA TRP A 72 -0.51 24.27 -5.61
C TRP A 72 0.70 24.52 -6.47
N THR A 73 1.64 25.34 -6.02
CA THR A 73 2.83 25.65 -6.80
C THR A 73 4.12 25.12 -6.16
N PHE A 74 4.80 24.27 -6.91
CA PHE A 74 6.00 23.59 -6.35
C PHE A 74 7.27 24.13 -6.98
N HIS A 75 8.21 24.61 -6.21
CA HIS A 75 9.49 25.12 -6.65
C HIS A 75 10.53 24.01 -6.55
N LEU A 76 10.99 23.51 -7.69
CA LEU A 76 11.89 22.41 -7.82
C LEU A 76 13.36 22.81 -7.67
N ARG A 77 14.08 22.06 -6.83
CA ARG A 77 15.48 22.43 -6.57
C ARG A 77 16.24 22.43 -7.88
N GLU A 78 17.11 23.41 -8.10
CA GLU A 78 17.84 23.52 -9.36
C GLU A 78 18.82 22.38 -9.60
N ASN A 79 19.35 21.77 -8.55
CA ASN A 79 20.26 20.63 -8.79
C ASN A 79 19.59 19.26 -8.78
N ALA A 80 18.27 19.10 -8.91
CA ALA A 80 17.69 17.75 -9.05
C ALA A 80 18.11 17.19 -10.41
N LYS A 81 18.69 15.98 -10.43
CA LYS A 81 19.13 15.35 -11.66
C LYS A 81 18.74 13.87 -11.67
N TRP A 82 18.63 13.29 -12.86
CA TRP A 82 18.41 11.91 -13.18
C TRP A 82 19.78 11.23 -13.13
N SER A 83 19.82 9.90 -13.20
CA SER A 83 21.08 9.19 -13.20
C SER A 83 21.94 9.39 -14.43
N ASP A 84 21.41 9.87 -15.57
CA ASP A 84 22.30 10.14 -16.71
C ASP A 84 22.83 11.57 -16.63
N GLY A 85 22.58 12.25 -15.53
CA GLY A 85 23.07 13.61 -15.30
C GLY A 85 22.16 14.72 -15.82
N THR A 86 21.09 14.39 -16.51
CA THR A 86 20.23 15.49 -16.97
C THR A 86 19.30 15.98 -15.91
N PRO A 87 18.92 17.25 -15.99
CA PRO A 87 18.06 17.86 -15.00
C PRO A 87 16.69 17.22 -14.88
N VAL A 88 16.18 17.26 -13.66
CA VAL A 88 14.81 16.83 -13.41
C VAL A 88 14.01 18.14 -13.58
N THR A 89 12.98 18.21 -14.42
CA THR A 89 12.33 19.51 -14.53
C THR A 89 10.87 19.39 -14.20
N ALA A 90 10.13 20.53 -14.21
CA ALA A 90 8.71 20.50 -14.12
C ALA A 90 8.09 19.82 -15.34
N HIS A 91 8.71 19.80 -16.51
CA HIS A 91 8.07 19.13 -17.64
C HIS A 91 8.13 17.60 -17.39
N ASP A 92 9.15 17.11 -16.66
CA ASP A 92 9.12 15.66 -16.37
C ASP A 92 7.84 15.35 -15.63
N PHE A 93 7.47 16.18 -14.63
CA PHE A 93 6.25 15.93 -13.89
C PHE A 93 5.00 16.03 -14.73
N VAL A 94 4.95 17.04 -15.65
CA VAL A 94 3.74 17.21 -16.49
C VAL A 94 3.55 15.97 -17.30
N TYR A 95 4.63 15.57 -17.98
CA TYR A 95 4.57 14.36 -18.79
C TYR A 95 4.12 13.18 -17.90
N SER A 96 4.84 13.01 -16.80
CA SER A 96 4.50 11.90 -15.89
C SER A 96 3.07 11.85 -15.40
N TRP A 97 2.50 12.92 -14.82
CA TRP A 97 1.12 12.87 -14.35
C TRP A 97 0.10 12.73 -15.48
N GLN A 98 0.45 13.17 -16.70
CA GLN A 98 -0.45 12.91 -17.83
C GLN A 98 -0.43 11.41 -18.19
N ARG A 99 0.75 10.78 -18.22
CA ARG A 99 0.83 9.37 -18.54
C ARG A 99 0.08 8.55 -17.47
N LEU A 100 0.18 9.00 -16.22
CA LEU A 100 -0.62 8.29 -15.18
C LEU A 100 -2.11 8.38 -15.44
N ALA A 101 -2.54 9.59 -15.91
CA ALA A 101 -3.97 9.83 -16.15
C ALA A 101 -4.50 9.11 -17.36
N ASP A 102 -3.70 8.92 -18.37
CA ASP A 102 -4.07 8.32 -19.63
C ASP A 102 -4.50 6.86 -19.53
N PRO A 103 -5.71 6.58 -20.02
CA PRO A 103 -6.29 5.27 -20.02
C PRO A 103 -5.43 4.25 -20.71
N ASN A 104 -4.68 4.63 -21.76
CA ASN A 104 -3.84 3.66 -22.41
C ASN A 104 -2.70 3.20 -21.50
N THR A 105 -2.24 3.89 -20.48
CA THR A 105 -1.23 3.35 -19.57
C THR A 105 -1.83 2.26 -18.66
N ALA A 106 -3.13 2.33 -18.41
CA ALA A 106 -3.93 1.41 -17.61
C ALA A 106 -3.35 1.27 -16.19
N SER A 107 -3.04 2.41 -15.59
CA SER A 107 -2.44 2.35 -14.27
C SER A 107 -3.49 1.89 -13.27
N PRO A 108 -3.05 1.02 -12.34
CA PRO A 108 -3.90 0.61 -11.23
C PRO A 108 -4.09 1.86 -10.38
N TYR A 109 -3.15 2.81 -10.44
CA TYR A 109 -3.26 4.01 -9.65
C TYR A 109 -3.72 5.23 -10.48
N ALA A 110 -4.39 5.04 -11.58
CA ALA A 110 -4.98 6.15 -12.35
C ALA A 110 -5.84 7.02 -11.46
N SER A 111 -6.64 6.45 -10.57
CA SER A 111 -7.51 7.17 -9.67
C SER A 111 -6.82 7.96 -8.57
N TYR A 112 -5.53 7.84 -8.39
CA TYR A 112 -4.85 8.66 -7.38
C TYR A 112 -5.08 10.16 -7.77
N LEU A 113 -5.14 10.49 -9.06
CA LEU A 113 -5.35 11.85 -9.54
C LEU A 113 -6.79 12.25 -9.31
N GLN A 114 -7.74 11.32 -9.20
CA GLN A 114 -9.08 11.62 -8.71
C GLN A 114 -9.10 11.90 -7.24
N TYR A 115 -8.25 11.16 -6.50
CA TYR A 115 -8.24 11.33 -5.05
C TYR A 115 -7.71 12.73 -4.73
N GLY A 116 -6.74 13.21 -5.51
CA GLY A 116 -6.28 14.60 -5.28
C GLY A 116 -7.17 15.61 -6.03
N HIS A 117 -8.11 15.15 -6.85
CA HIS A 117 -9.00 16.04 -7.57
C HIS A 117 -8.32 17.00 -8.57
N ILE A 118 -7.29 16.58 -9.22
CA ILE A 118 -6.61 17.39 -10.24
C ILE A 118 -7.67 17.70 -11.33
N ALA A 119 -7.67 18.92 -11.81
CA ALA A 119 -8.70 19.29 -12.81
C ALA A 119 -8.72 18.42 -14.04
N ASN A 120 -9.94 18.06 -14.49
CA ASN A 120 -10.25 17.35 -15.69
C ASN A 120 -9.97 15.84 -15.66
N ILE A 121 -9.55 15.34 -14.49
CA ILE A 121 -9.17 13.91 -14.47
C ILE A 121 -10.36 13.01 -14.82
N ASP A 122 -11.57 13.22 -14.36
CA ASP A 122 -12.68 12.31 -14.64
C ASP A 122 -12.90 12.05 -16.13
N ASP A 123 -12.89 13.13 -16.89
CA ASP A 123 -13.00 13.12 -18.34
C ASP A 123 -11.83 12.43 -18.99
N ILE A 124 -10.62 12.57 -18.41
CA ILE A 124 -9.44 11.96 -19.02
C ILE A 124 -9.54 10.44 -18.92
N ILE A 125 -9.81 9.96 -17.72
CA ILE A 125 -9.96 8.54 -17.44
C ILE A 125 -11.08 7.97 -18.30
N ALA A 126 -12.18 8.71 -18.44
CA ALA A 126 -13.31 8.29 -19.26
C ALA A 126 -13.06 8.39 -20.75
N GLY A 127 -11.94 8.92 -21.23
CA GLY A 127 -11.64 8.99 -22.64
C GLY A 127 -12.34 10.16 -23.34
N LYS A 128 -12.95 11.06 -22.56
CA LYS A 128 -13.64 12.19 -23.16
C LYS A 128 -12.71 13.33 -23.45
N LYS A 129 -11.59 13.45 -22.73
CA LYS A 129 -10.59 14.48 -22.94
C LYS A 129 -9.24 13.78 -22.98
N PRO A 130 -8.34 14.30 -23.80
CA PRO A 130 -7.01 13.74 -23.90
C PRO A 130 -6.26 14.08 -22.62
N ALA A 131 -5.20 13.33 -22.32
CA ALA A 131 -4.44 13.47 -21.05
C ALA A 131 -3.77 14.79 -20.88
N THR A 132 -3.47 15.40 -22.04
CA THR A 132 -2.93 16.74 -22.15
C THR A 132 -3.84 17.79 -21.58
N ASP A 133 -5.14 17.59 -21.41
CA ASP A 133 -5.95 18.56 -20.66
C ASP A 133 -5.82 18.45 -19.13
N LEU A 134 -4.97 17.58 -18.58
CA LEU A 134 -4.94 17.45 -17.09
C LEU A 134 -4.51 18.74 -16.46
N GLY A 135 -4.98 19.12 -15.29
CA GLY A 135 -4.62 20.37 -14.65
C GLY A 135 -3.25 20.53 -14.05
N VAL A 136 -2.21 20.27 -14.82
CA VAL A 136 -0.85 20.45 -14.46
C VAL A 136 -0.13 21.34 -15.50
N LYS A 137 0.77 22.18 -15.04
CA LYS A 137 1.65 22.86 -16.03
C LYS A 137 3.00 23.13 -15.42
N ALA A 138 4.01 23.24 -16.27
CA ALA A 138 5.35 23.65 -15.93
C ALA A 138 5.32 25.17 -16.29
N LEU A 139 5.51 25.98 -15.27
CA LEU A 139 5.50 27.45 -15.46
C LEU A 139 6.88 27.86 -15.98
N ASP A 140 7.87 27.01 -15.63
CA ASP A 140 9.20 27.08 -16.14
C ASP A 140 9.89 25.74 -15.85
N ASP A 141 11.17 25.57 -16.12
CA ASP A 141 11.87 24.33 -15.84
C ASP A 141 11.86 23.97 -14.34
N HIS A 142 11.77 24.90 -13.39
CA HIS A 142 11.84 24.57 -11.98
C HIS A 142 10.56 24.88 -11.28
N THR A 143 9.44 24.98 -11.99
CA THR A 143 8.19 25.33 -11.32
C THR A 143 7.00 24.55 -11.86
N PHE A 144 6.44 23.69 -11.01
CA PHE A 144 5.31 22.81 -11.38
C PHE A 144 4.05 23.29 -10.69
N GLU A 145 2.97 23.55 -11.43
CA GLU A 145 1.76 24.15 -10.86
C GLU A 145 0.55 23.23 -10.99
N VAL A 146 -0.13 22.90 -9.89
CA VAL A 146 -1.22 21.91 -10.01
C VAL A 146 -2.51 22.64 -9.68
N THR A 147 -3.53 22.43 -10.46
CA THR A 147 -4.83 23.07 -10.24
C THR A 147 -5.86 21.99 -9.93
N LEU A 148 -6.46 22.10 -8.78
CA LEU A 148 -7.51 21.14 -8.40
C LEU A 148 -8.90 21.72 -8.68
N SER A 149 -9.85 20.82 -8.83
CA SER A 149 -11.25 21.24 -9.04
C SER A 149 -11.95 21.59 -7.74
N GLU A 150 -11.36 21.37 -6.55
CA GLU A 150 -11.98 21.81 -5.32
C GLU A 150 -10.89 21.83 -4.25
N PRO A 151 -11.05 22.52 -3.17
CA PRO A 151 -10.04 22.66 -2.15
C PRO A 151 -9.78 21.31 -1.45
N VAL A 152 -8.51 20.99 -1.40
CA VAL A 152 -8.06 19.69 -0.78
C VAL A 152 -6.91 20.06 0.14
N PRO A 153 -7.20 20.37 1.41
CA PRO A 153 -6.22 20.86 2.38
C PRO A 153 -5.08 19.92 2.65
N TYR A 154 -5.34 18.61 2.46
CA TYR A 154 -4.28 17.63 2.63
C TYR A 154 -3.58 17.21 1.35
N PHE A 155 -3.82 17.89 0.20
CA PHE A 155 -3.22 17.51 -1.06
C PHE A 155 -1.75 17.17 -1.04
N TYR A 156 -0.89 18.00 -0.45
CA TYR A 156 0.55 17.71 -0.52
C TYR A 156 0.89 16.36 0.15
N LYS A 157 0.11 15.92 1.13
CA LYS A 157 0.36 14.60 1.78
C LYS A 157 0.34 13.47 0.78
N LEU A 158 -0.44 13.58 -0.32
CA LEU A 158 -0.45 12.51 -1.31
C LEU A 158 0.82 12.31 -2.09
N LEU A 159 1.62 13.36 -2.26
CA LEU A 159 2.72 13.42 -3.19
C LEU A 159 3.96 12.60 -2.87
N VAL A 160 3.99 11.83 -1.77
CA VAL A 160 5.14 10.94 -1.55
C VAL A 160 4.91 9.60 -2.23
N HIS A 161 3.73 9.32 -2.75
CA HIS A 161 3.38 8.03 -3.37
C HIS A 161 4.07 7.83 -4.70
N PRO A 162 4.49 6.61 -5.04
CA PRO A 162 5.20 6.29 -6.25
C PRO A 162 4.40 6.62 -7.53
N SER A 163 3.10 6.53 -7.52
CA SER A 163 2.36 6.86 -8.76
C SER A 163 2.58 8.30 -9.23
N VAL A 164 2.94 9.26 -8.42
CA VAL A 164 3.22 10.64 -8.79
C VAL A 164 4.71 10.95 -8.81
N SER A 165 5.55 9.91 -8.94
CA SER A 165 6.97 10.08 -9.14
C SER A 165 7.17 10.32 -10.65
N PRO A 166 8.25 10.96 -11.01
CA PRO A 166 8.53 11.20 -12.43
C PRO A 166 9.07 9.99 -13.12
N VAL A 167 8.79 9.81 -14.42
CA VAL A 167 9.39 8.78 -15.24
C VAL A 167 10.09 9.52 -16.41
N PRO A 168 11.18 8.98 -16.88
CA PRO A 168 11.96 9.60 -17.96
C PRO A 168 11.31 9.29 -19.31
N LYS A 169 10.67 10.29 -19.92
CA LYS A 169 9.96 10.19 -21.19
C LYS A 169 10.83 9.62 -22.30
N SER A 170 12.06 10.08 -22.44
CA SER A 170 12.91 9.56 -23.52
C SER A 170 13.11 8.05 -23.40
N ALA A 171 13.44 7.54 -22.21
CA ALA A 171 13.57 6.09 -22.05
C ALA A 171 12.27 5.38 -22.31
N VAL A 172 11.16 5.91 -21.78
CA VAL A 172 9.86 5.32 -21.94
C VAL A 172 9.51 5.24 -23.44
N GLU A 173 9.70 6.35 -24.13
CA GLU A 173 9.37 6.39 -25.56
C GLU A 173 10.27 5.54 -26.43
N LYS A 174 11.55 5.44 -26.10
CA LYS A 174 12.41 4.61 -26.95
C LYS A 174 12.30 3.12 -26.70
N PHE A 175 12.11 2.70 -25.43
CA PHE A 175 12.15 1.26 -25.12
C PHE A 175 10.82 0.62 -24.78
N GLY A 176 9.77 1.42 -24.66
CA GLY A 176 8.47 0.83 -24.38
C GLY A 176 8.46 0.15 -23.01
N ASP A 177 8.00 -1.09 -22.96
CA ASP A 177 8.00 -1.81 -21.69
C ASP A 177 9.35 -2.35 -21.26
N LYS A 178 10.44 -2.12 -21.97
CA LYS A 178 11.75 -2.61 -21.52
C LYS A 178 12.52 -1.40 -20.99
N TRP A 179 11.89 -0.22 -20.85
CA TRP A 179 12.55 0.97 -20.32
C TRP A 179 13.16 0.75 -18.95
N THR A 180 12.58 -0.16 -18.14
CA THR A 180 13.07 -0.40 -16.79
C THR A 180 14.19 -1.45 -16.70
N GLN A 181 14.62 -2.00 -17.83
CA GLN A 181 15.77 -2.91 -17.78
C GLN A 181 16.94 -2.03 -17.36
N PRO A 182 17.93 -2.66 -16.75
CA PRO A 182 19.11 -2.00 -16.23
C PRO A 182 19.88 -1.30 -17.33
N ALA A 183 19.99 -1.90 -18.52
CA ALA A 183 20.73 -1.19 -19.57
C ALA A 183 19.96 0.03 -20.08
N ASN A 184 18.67 0.23 -19.80
CA ASN A 184 17.89 1.34 -20.28
C ASN A 184 17.34 2.37 -19.31
N ILE A 185 17.08 1.87 -18.09
CA ILE A 185 16.35 2.66 -17.12
C ILE A 185 17.16 3.86 -16.76
N VAL A 186 16.53 4.93 -16.37
CA VAL A 186 17.11 6.17 -15.89
C VAL A 186 16.37 6.57 -14.63
N THR A 187 17.01 6.90 -13.50
CA THR A 187 16.30 7.20 -12.27
C THR A 187 16.72 8.47 -11.55
N ASN A 188 15.84 9.03 -10.70
CA ASN A 188 16.20 10.29 -10.01
C ASN A 188 16.19 10.14 -8.49
N GLY A 189 16.00 8.91 -7.98
CA GLY A 189 16.09 8.82 -6.47
C GLY A 189 17.55 8.60 -6.06
N ALA A 190 17.81 8.18 -4.79
CA ALA A 190 19.19 8.02 -4.33
C ALA A 190 19.96 6.88 -4.93
N TYR A 191 19.32 5.91 -5.56
CA TYR A 191 19.87 4.73 -6.16
C TYR A 191 19.51 4.59 -7.64
N LYS A 192 20.26 3.77 -8.34
CA LYS A 192 20.09 3.42 -9.72
C LYS A 192 19.95 1.90 -9.72
N LEU A 193 19.42 1.36 -10.79
CA LEU A 193 19.29 -0.09 -10.86
C LEU A 193 20.56 -0.74 -11.40
N LYS A 194 21.19 -1.63 -10.62
CA LYS A 194 22.35 -2.33 -11.09
C LYS A 194 22.00 -3.65 -11.75
N ASN A 195 21.19 -4.49 -11.09
CA ASN A 195 20.88 -5.83 -11.62
C ASN A 195 19.44 -6.21 -11.25
N TRP A 196 18.78 -6.99 -12.08
CA TRP A 196 17.43 -7.45 -11.80
C TRP A 196 17.34 -8.86 -12.34
N VAL A 197 17.35 -9.83 -11.42
CA VAL A 197 17.19 -11.22 -11.80
C VAL A 197 15.87 -11.69 -11.23
N VAL A 198 14.91 -11.90 -12.14
CA VAL A 198 13.58 -12.29 -11.71
C VAL A 198 13.63 -13.51 -10.81
N ASN A 199 12.94 -13.40 -9.68
CA ASN A 199 12.80 -14.42 -8.70
C ASN A 199 14.11 -14.73 -8.01
N GLU A 200 15.07 -13.80 -8.10
CA GLU A 200 16.33 -14.01 -7.40
C GLU A 200 16.65 -12.77 -6.63
N ARG A 201 16.91 -11.62 -7.32
CA ARG A 201 17.27 -10.46 -6.58
C ARG A 201 17.13 -9.18 -7.41
N ILE A 202 17.01 -8.06 -6.71
CA ILE A 202 17.13 -6.76 -7.33
C ILE A 202 18.29 -6.06 -6.63
N VAL A 203 19.30 -5.64 -7.36
CA VAL A 203 20.40 -4.94 -6.71
C VAL A 203 20.46 -3.47 -7.13
N LEU A 204 20.50 -2.57 -6.19
CA LEU A 204 20.58 -1.13 -6.50
C LEU A 204 21.92 -0.57 -6.05
N GLU A 205 22.43 0.42 -6.76
CA GLU A 205 23.68 1.05 -6.38
C GLU A 205 23.47 2.56 -6.30
N ARG A 206 24.25 3.19 -5.45
CA ARG A 206 24.17 4.62 -5.24
C ARG A 206 24.14 5.41 -6.57
N ASN A 207 23.23 6.40 -6.54
CA ASN A 207 23.12 7.23 -7.78
C ASN A 207 23.89 8.50 -7.51
N PRO A 208 25.06 8.70 -8.10
CA PRO A 208 25.91 9.84 -7.76
C PRO A 208 25.36 11.18 -8.24
N GLN A 209 24.37 11.19 -9.12
CA GLN A 209 23.76 12.43 -9.60
C GLN A 209 22.63 12.87 -8.68
N TYR A 210 22.23 12.01 -7.70
CA TYR A 210 21.16 12.39 -6.78
C TYR A 210 21.55 13.69 -6.14
N TRP A 211 20.64 14.64 -5.98
CA TRP A 211 20.98 15.91 -5.40
C TRP A 211 21.47 15.86 -3.96
N ASP A 212 20.87 14.92 -3.21
CA ASP A 212 21.28 14.76 -1.83
C ASP A 212 22.28 13.61 -1.69
N ASN A 213 23.05 13.27 -2.72
CA ASN A 213 24.00 12.20 -2.69
C ASN A 213 25.01 12.24 -1.54
N ALA A 214 25.56 13.40 -1.20
CA ALA A 214 26.55 13.51 -0.14
C ALA A 214 26.05 12.96 1.20
N LYS A 215 24.75 12.92 1.48
CA LYS A 215 24.27 12.37 2.73
C LYS A 215 23.89 10.88 2.65
N THR A 216 23.94 10.31 1.47
CA THR A 216 23.63 8.90 1.24
C THR A 216 24.81 8.07 1.79
N VAL A 217 24.53 7.00 2.51
CA VAL A 217 25.63 6.19 3.09
C VAL A 217 25.70 4.80 2.52
N ILE A 218 24.59 4.08 2.39
CA ILE A 218 24.59 2.73 1.86
C ILE A 218 24.98 2.80 0.39
N ASN A 219 26.00 2.07 -0.05
CA ASN A 219 26.44 2.11 -1.42
C ASN A 219 25.68 1.11 -2.26
N GLN A 220 25.06 0.09 -1.64
CA GLN A 220 24.33 -0.89 -2.42
C GLN A 220 23.26 -1.54 -1.59
N VAL A 221 22.07 -1.78 -2.15
CA VAL A 221 21.07 -2.50 -1.33
C VAL A 221 20.46 -3.54 -2.28
N THR A 222 20.26 -4.76 -1.81
CA THR A 222 19.72 -5.83 -2.61
C THR A 222 18.30 -6.06 -2.08
N TYR A 223 17.33 -6.21 -2.97
CA TYR A 223 16.02 -6.56 -2.44
C TYR A 223 15.77 -8.00 -2.84
N LEU A 224 15.29 -8.87 -1.95
CA LEU A 224 15.00 -10.24 -2.32
C LEU A 224 13.51 -10.50 -2.39
N PRO A 225 13.12 -11.54 -3.05
CA PRO A 225 11.70 -11.85 -3.27
C PRO A 225 11.20 -13.10 -2.57
N ILE A 226 11.55 -13.24 -1.32
CA ILE A 226 11.24 -14.47 -0.56
C ILE A 226 9.85 -14.35 0.02
N SER A 227 8.91 -15.19 -0.42
CA SER A 227 7.55 -15.07 0.10
C SER A 227 7.33 -15.95 1.32
N SER A 228 8.27 -16.88 1.58
CA SER A 228 8.18 -17.67 2.82
C SER A 228 8.74 -16.83 3.98
N GLU A 229 7.89 -16.45 4.92
CA GLU A 229 8.33 -15.72 6.08
C GLU A 229 9.33 -16.53 6.93
N VAL A 230 9.17 -17.87 6.99
CA VAL A 230 10.11 -18.71 7.72
C VAL A 230 11.48 -18.63 7.08
N THR A 231 11.51 -18.77 5.77
CA THR A 231 12.77 -18.66 5.02
C THR A 231 13.42 -17.30 5.21
N ASP A 232 12.58 -16.26 5.21
CA ASP A 232 13.11 -14.89 5.37
C ASP A 232 13.79 -14.83 6.75
N VAL A 233 13.11 -15.26 7.80
CA VAL A 233 13.69 -15.27 9.13
C VAL A 233 14.97 -16.17 9.18
N ASN A 234 14.91 -17.32 8.55
CA ASN A 234 16.11 -18.16 8.52
C ASN A 234 17.30 -17.48 7.84
N ARG A 235 17.10 -16.79 6.70
CA ARG A 235 18.28 -16.19 6.03
C ARG A 235 18.66 -14.91 6.71
N TYR A 236 17.82 -14.33 7.54
CA TYR A 236 18.20 -13.22 8.40
C TYR A 236 19.17 -13.80 9.47
N ARG A 237 18.68 -14.82 10.18
CA ARG A 237 19.48 -15.37 11.29
C ARG A 237 20.75 -16.05 10.84
N SER A 238 20.83 -16.58 9.64
CA SER A 238 22.05 -17.14 9.08
C SER A 238 23.06 -16.04 8.80
N GLY A 239 22.58 -14.77 8.70
CA GLY A 239 23.49 -13.65 8.42
C GLY A 239 23.31 -12.96 7.07
N GLU A 240 22.66 -13.63 6.13
CA GLU A 240 22.48 -13.11 4.78
C GLU A 240 21.60 -11.85 4.72
N ILE A 241 20.52 -11.81 5.46
CA ILE A 241 19.53 -10.75 5.46
C ILE A 241 19.67 -9.84 6.66
N ASP A 242 19.73 -8.51 6.40
CA ASP A 242 19.80 -7.51 7.42
C ASP A 242 18.42 -7.05 7.85
N MET A 243 17.41 -7.07 6.97
CA MET A 243 16.08 -6.59 7.38
C MET A 243 15.04 -7.53 6.80
N THR A 244 14.22 -8.20 7.64
CA THR A 244 13.28 -9.07 6.96
C THR A 244 12.20 -8.18 6.28
N TYR A 245 11.32 -8.86 5.56
CA TYR A 245 10.11 -8.21 5.07
C TYR A 245 9.26 -8.07 6.32
N ASN A 246 8.22 -7.26 6.35
CA ASN A 246 7.40 -7.06 7.51
C ASN A 246 6.12 -7.85 7.43
N ASN A 247 6.27 -9.17 7.43
CA ASN A 247 5.33 -10.23 7.61
C ASN A 247 6.08 -11.33 8.43
N MET A 248 5.63 -11.68 9.59
CA MET A 248 6.31 -12.67 10.45
C MET A 248 5.59 -14.02 10.52
N PRO A 249 6.36 -15.11 10.49
CA PRO A 249 5.82 -16.44 10.50
C PRO A 249 5.25 -16.87 11.87
N ILE A 250 4.11 -17.54 11.79
CA ILE A 250 3.45 -18.12 12.95
C ILE A 250 4.41 -19.13 13.59
N GLU A 251 5.08 -19.95 12.76
CA GLU A 251 5.97 -20.95 13.32
C GLU A 251 6.97 -20.39 14.32
N LEU A 252 7.69 -19.33 13.98
CA LEU A 252 8.76 -18.83 14.82
C LEU A 252 8.62 -17.57 15.66
N PHE A 253 7.64 -16.69 15.48
CA PHE A 253 7.61 -15.43 16.17
C PHE A 253 7.74 -15.42 17.68
N GLN A 254 6.93 -16.20 18.40
CA GLN A 254 7.03 -16.16 19.88
C GLN A 254 8.47 -16.46 20.34
N LYS A 255 9.14 -17.45 19.78
CA LYS A 255 10.52 -17.81 20.04
C LYS A 255 11.45 -16.62 19.78
N LEU A 256 11.19 -15.95 18.63
CA LEU A 256 12.05 -14.80 18.28
C LEU A 256 11.98 -13.70 19.29
N LYS A 257 10.78 -13.42 19.82
CA LYS A 257 10.58 -12.40 20.82
C LYS A 257 11.48 -12.76 22.02
N LYS A 258 11.53 -14.07 22.31
CA LYS A 258 12.39 -14.42 23.46
C LYS A 258 13.85 -14.53 23.12
N GLU A 259 14.22 -14.95 21.92
CA GLU A 259 15.65 -15.08 21.62
C GLU A 259 16.31 -13.77 21.26
N ILE A 260 15.69 -12.90 20.44
CA ILE A 260 16.40 -11.66 20.03
C ILE A 260 15.45 -10.48 20.11
N PRO A 261 14.96 -10.17 21.30
CA PRO A 261 13.97 -9.15 21.54
C PRO A 261 14.31 -7.77 20.99
N ASN A 262 15.58 -7.40 21.04
CA ASN A 262 16.02 -6.12 20.53
C ASN A 262 16.04 -6.05 19.01
N GLU A 263 15.93 -7.15 18.28
CA GLU A 263 15.87 -7.12 16.82
C GLU A 263 14.45 -7.15 16.28
N VAL A 264 13.50 -7.51 17.14
CA VAL A 264 12.10 -7.62 16.79
C VAL A 264 11.44 -6.26 16.99
N ARG A 265 11.28 -5.57 15.87
CA ARG A 265 10.66 -4.24 15.88
C ARG A 265 9.17 -4.38 15.71
N VAL A 266 8.34 -3.77 16.56
CA VAL A 266 6.89 -3.88 16.43
C VAL A 266 6.41 -2.45 16.60
N ASP A 267 5.72 -1.90 15.58
CA ASP A 267 5.34 -0.46 15.70
C ASP A 267 3.98 -0.28 15.02
N PRO A 268 3.31 0.82 15.30
CA PRO A 268 2.01 1.06 14.71
C PRO A 268 2.13 1.05 13.20
N TYR A 269 1.07 0.66 12.49
CA TYR A 269 1.10 0.55 11.04
C TYR A 269 -0.31 0.79 10.52
N LEU A 270 -0.43 1.64 9.50
CA LEU A 270 -1.79 2.00 9.03
C LEU A 270 -2.24 1.10 7.93
N CYS A 271 -2.46 -0.20 8.30
CA CYS A 271 -2.82 -1.21 7.33
C CYS A 271 -3.88 -2.13 7.88
N THR A 272 -4.78 -2.61 7.04
CA THR A 272 -5.84 -3.49 7.49
C THR A 272 -5.74 -4.80 6.74
N TYR A 273 -5.92 -5.91 7.50
CA TYR A 273 -5.91 -7.24 6.87
C TYR A 273 -7.37 -7.60 6.73
N TYR A 274 -7.81 -8.04 5.57
CA TYR A 274 -9.24 -8.35 5.45
C TYR A 274 -9.44 -9.32 4.33
N TYR A 275 -10.61 -9.98 4.25
CA TYR A 275 -10.93 -10.85 3.16
C TYR A 275 -11.81 -10.03 2.20
N GLU A 276 -11.23 -9.76 1.03
CA GLU A 276 -11.89 -8.98 -0.02
C GLU A 276 -12.88 -9.91 -0.71
N ILE A 277 -14.15 -9.57 -0.67
CA ILE A 277 -15.21 -10.36 -1.33
C ILE A 277 -15.42 -9.78 -2.72
N ASN A 278 -15.64 -10.59 -3.72
CA ASN A 278 -15.89 -10.06 -5.07
C ASN A 278 -17.37 -9.69 -5.09
N ASN A 279 -17.69 -8.42 -4.81
CA ASN A 279 -19.06 -7.96 -4.69
C ASN A 279 -19.91 -8.13 -5.94
N GLN A 280 -19.38 -8.35 -7.13
CA GLN A 280 -20.20 -8.47 -8.30
C GLN A 280 -20.45 -9.91 -8.75
N LYS A 281 -19.99 -10.86 -7.97
CA LYS A 281 -20.15 -12.24 -8.43
C LYS A 281 -21.02 -13.04 -7.49
N ALA A 282 -22.12 -13.57 -8.03
CA ALA A 282 -23.02 -14.39 -7.23
C ALA A 282 -22.26 -15.62 -6.70
N PRO A 283 -22.54 -16.04 -5.50
CA PRO A 283 -23.57 -15.48 -4.64
C PRO A 283 -23.10 -14.35 -3.74
N PHE A 284 -21.90 -13.81 -4.05
CA PHE A 284 -21.38 -12.74 -3.20
C PHE A 284 -22.01 -11.39 -3.44
N ASN A 285 -22.96 -11.27 -4.36
CA ASN A 285 -23.67 -10.07 -4.65
C ASN A 285 -24.89 -9.96 -3.74
N ASP A 286 -25.08 -10.96 -2.86
CA ASP A 286 -26.15 -10.99 -1.90
C ASP A 286 -25.60 -10.47 -0.57
N VAL A 287 -26.13 -9.43 0.04
CA VAL A 287 -25.61 -8.93 1.31
C VAL A 287 -25.69 -9.97 2.43
N ARG A 288 -26.68 -10.86 2.32
CA ARG A 288 -26.85 -11.93 3.29
C ARG A 288 -25.62 -12.84 3.35
N VAL A 289 -25.10 -13.23 2.20
CA VAL A 289 -23.89 -14.09 2.21
C VAL A 289 -22.69 -13.33 2.74
N ARG A 290 -22.48 -12.09 2.22
CA ARG A 290 -21.34 -11.31 2.70
C ARG A 290 -21.42 -11.07 4.19
N THR A 291 -22.60 -10.74 4.74
CA THR A 291 -22.69 -10.48 6.17
C THR A 291 -22.43 -11.74 7.01
N ALA A 292 -22.88 -12.90 6.51
CA ALA A 292 -22.66 -14.14 7.30
C ALA A 292 -21.22 -14.50 7.45
N LEU A 293 -20.50 -14.43 6.32
CA LEU A 293 -19.06 -14.65 6.28
C LEU A 293 -18.40 -13.64 7.20
N LYS A 294 -18.76 -12.38 7.17
CA LYS A 294 -18.12 -11.36 8.01
C LYS A 294 -18.31 -11.67 9.48
N LEU A 295 -19.59 -11.94 9.84
CA LEU A 295 -19.89 -12.21 11.24
C LEU A 295 -19.41 -13.59 11.70
N ALA A 296 -19.47 -14.64 10.89
CA ALA A 296 -19.05 -15.96 11.42
C ALA A 296 -17.56 -16.10 11.67
N LEU A 297 -16.73 -15.20 11.11
CA LEU A 297 -15.29 -15.23 11.34
C LEU A 297 -15.02 -14.82 12.78
N ASP A 298 -14.17 -15.55 13.49
CA ASP A 298 -13.86 -15.31 14.88
C ASP A 298 -12.49 -14.66 15.01
N ARG A 299 -12.59 -13.32 15.18
CA ARG A 299 -11.37 -12.50 15.18
C ARG A 299 -10.48 -12.76 16.38
N ASP A 300 -11.12 -13.06 17.51
CA ASP A 300 -10.40 -13.36 18.74
C ASP A 300 -9.51 -14.59 18.52
N ILE A 301 -10.09 -15.62 17.95
CA ILE A 301 -9.30 -16.83 17.67
C ILE A 301 -8.14 -16.49 16.73
N ILE A 302 -8.47 -15.92 15.59
CA ILE A 302 -7.45 -15.62 14.59
C ILE A 302 -6.36 -14.70 15.13
N VAL A 303 -6.82 -13.56 15.65
CA VAL A 303 -5.89 -12.56 16.10
C VAL A 303 -5.17 -12.88 17.38
N ASN A 304 -5.88 -13.26 18.44
CA ASN A 304 -5.18 -13.52 19.70
C ASN A 304 -4.73 -14.96 19.86
N LYS A 305 -5.47 -15.90 19.31
CA LYS A 305 -5.08 -17.30 19.47
C LYS A 305 -4.12 -17.72 18.36
N VAL A 306 -4.54 -17.72 17.09
CA VAL A 306 -3.64 -18.26 16.08
C VAL A 306 -2.49 -17.38 15.66
N LYS A 307 -2.61 -16.07 15.58
CA LYS A 307 -1.48 -15.22 15.18
C LYS A 307 -0.75 -14.74 16.42
N ASN A 308 -1.39 -13.97 17.27
CA ASN A 308 -0.83 -13.46 18.50
C ASN A 308 0.49 -12.72 18.36
N GLN A 309 0.56 -11.73 17.48
CA GLN A 309 1.77 -10.97 17.26
C GLN A 309 1.53 -9.48 17.50
N GLY A 310 0.47 -9.14 18.20
CA GLY A 310 0.13 -7.77 18.53
C GLY A 310 -0.95 -7.14 17.65
N ASP A 311 -1.52 -7.80 16.67
CA ASP A 311 -2.56 -7.18 15.84
C ASP A 311 -3.85 -6.92 16.62
N LEU A 312 -4.69 -6.03 16.09
CA LEU A 312 -5.96 -5.70 16.76
C LEU A 312 -7.14 -6.13 15.92
N PRO A 313 -8.11 -6.83 16.50
CA PRO A 313 -9.30 -7.30 15.79
C PRO A 313 -9.97 -6.12 15.09
N ALA A 314 -10.38 -6.30 13.84
CA ALA A 314 -10.90 -5.17 13.03
C ALA A 314 -12.39 -5.20 12.77
N TYR A 315 -12.99 -4.00 12.82
CA TYR A 315 -14.43 -3.94 12.53
C TYR A 315 -14.70 -2.89 11.45
N SER A 316 -13.63 -2.42 10.78
CA SER A 316 -13.74 -1.38 9.75
C SER A 316 -12.68 -1.60 8.67
N TYR A 317 -12.76 -0.82 7.60
CA TYR A 317 -11.72 -0.83 6.55
C TYR A 317 -10.63 0.16 6.93
N THR A 318 -10.96 1.42 7.21
CA THR A 318 -9.97 2.40 7.65
C THR A 318 -9.51 2.07 9.07
N PRO A 319 -8.22 2.02 9.34
CA PRO A 319 -7.74 1.75 10.70
C PRO A 319 -8.25 2.88 11.55
N PRO A 320 -8.71 2.63 12.77
CA PRO A 320 -9.19 3.68 13.64
C PRO A 320 -8.19 4.73 14.07
N TYR A 321 -6.91 4.48 13.91
CA TYR A 321 -5.90 5.41 14.34
C TYR A 321 -5.33 6.23 13.18
N THR A 322 -6.02 6.14 12.05
CA THR A 322 -5.58 7.03 10.92
C THR A 322 -5.83 8.45 11.41
N ASP A 323 -5.00 9.40 11.05
CA ASP A 323 -5.23 10.80 11.40
C ASP A 323 -6.53 11.27 10.77
N GLY A 324 -7.55 11.56 11.51
CA GLY A 324 -8.82 12.05 11.07
C GLY A 324 -9.92 11.00 11.23
N ALA A 325 -9.54 9.78 11.67
CA ALA A 325 -10.54 8.76 11.84
C ALA A 325 -11.20 8.84 13.22
N LYS A 326 -12.53 8.91 13.24
CA LYS A 326 -13.27 8.91 14.49
C LYS A 326 -14.44 7.94 14.24
N LEU A 327 -14.09 6.65 14.19
CA LEU A 327 -15.02 5.61 13.81
C LEU A 327 -15.98 5.13 14.89
N VAL A 328 -17.17 4.72 14.45
CA VAL A 328 -18.18 4.16 15.35
C VAL A 328 -18.12 2.64 15.19
N GLU A 329 -17.81 1.95 16.27
CA GLU A 329 -17.65 0.49 16.35
C GLU A 329 -19.03 -0.12 16.21
N PRO A 330 -19.30 -0.89 15.19
CA PRO A 330 -20.62 -1.50 14.98
C PRO A 330 -21.01 -2.39 16.16
N GLU A 331 -22.30 -2.52 16.40
CA GLU A 331 -22.84 -3.27 17.53
C GLU A 331 -22.52 -4.75 17.43
N TRP A 332 -22.49 -5.29 16.21
CA TRP A 332 -22.10 -6.67 16.00
C TRP A 332 -20.74 -7.04 16.56
N PHE A 333 -19.84 -6.11 16.72
CA PHE A 333 -18.51 -6.37 17.21
C PHE A 333 -18.41 -6.52 18.73
N LYS A 334 -19.46 -6.12 19.43
CA LYS A 334 -19.50 -6.30 20.88
C LYS A 334 -20.36 -7.52 21.21
N TRP A 335 -21.02 -8.14 20.24
CA TRP A 335 -21.77 -9.34 20.49
C TRP A 335 -20.79 -10.48 20.83
N SER A 336 -21.36 -11.59 21.31
CA SER A 336 -20.49 -12.75 21.58
C SER A 336 -20.28 -13.40 20.22
N GLN A 337 -19.28 -14.24 20.02
CA GLN A 337 -19.13 -14.90 18.72
C GLN A 337 -20.32 -15.81 18.48
N GLN A 338 -20.81 -16.39 19.59
CA GLN A 338 -22.01 -17.20 19.59
C GLN A 338 -23.18 -16.52 18.91
N LYS A 339 -23.53 -15.31 19.33
CA LYS A 339 -24.61 -14.51 18.71
C LYS A 339 -24.27 -14.12 17.29
N ARG A 340 -22.96 -13.82 17.08
CA ARG A 340 -22.53 -13.60 15.68
C ARG A 340 -22.83 -14.84 14.84
N ASN A 341 -22.44 -16.03 15.29
CA ASN A 341 -22.67 -17.23 14.50
C ASN A 341 -24.13 -17.51 14.22
N GLU A 342 -25.00 -17.36 15.21
CA GLU A 342 -26.44 -17.62 14.96
C GLU A 342 -26.98 -16.70 13.89
N GLU A 343 -26.62 -15.41 14.02
CA GLU A 343 -27.06 -14.42 13.02
C GLU A 343 -26.55 -14.80 11.64
N ALA A 344 -25.29 -15.23 11.54
CA ALA A 344 -24.69 -15.68 10.30
C ALA A 344 -25.43 -16.85 9.67
N LYS A 345 -25.67 -17.88 10.50
CA LYS A 345 -26.35 -19.08 10.03
C LYS A 345 -27.77 -18.74 9.58
N LYS A 346 -28.45 -17.91 10.34
CA LYS A 346 -29.82 -17.49 9.99
C LYS A 346 -29.81 -16.86 8.63
N LEU A 347 -28.90 -15.90 8.41
CA LEU A 347 -28.73 -15.25 7.13
C LEU A 347 -28.43 -16.19 6.00
N LEU A 348 -27.50 -17.14 6.15
CA LEU A 348 -27.27 -18.05 5.03
C LEU A 348 -28.51 -18.95 4.81
N ALA A 349 -29.16 -19.36 5.91
CA ALA A 349 -30.34 -20.21 5.73
C ALA A 349 -31.40 -19.39 4.97
N GLU A 350 -31.53 -18.11 5.28
CA GLU A 350 -32.40 -17.25 4.52
C GLU A 350 -31.92 -17.09 3.10
N ALA A 351 -30.61 -17.07 2.81
CA ALA A 351 -30.14 -16.94 1.45
C ALA A 351 -30.33 -18.17 0.57
N GLY A 352 -30.93 -19.26 1.03
CA GLY A 352 -31.18 -20.42 0.23
C GLY A 352 -30.18 -21.56 0.48
N PHE A 353 -29.27 -21.39 1.44
CA PHE A 353 -28.32 -22.46 1.68
C PHE A 353 -28.72 -23.47 2.74
N THR A 354 -28.45 -24.74 2.48
CA THR A 354 -28.77 -25.83 3.37
C THR A 354 -27.60 -26.81 3.53
N ALA A 355 -27.72 -27.76 4.45
CA ALA A 355 -26.72 -28.82 4.60
C ALA A 355 -26.55 -29.55 3.27
N ASP A 356 -27.64 -29.84 2.59
CA ASP A 356 -27.66 -30.49 1.30
C ASP A 356 -27.10 -29.67 0.17
N LYS A 357 -27.29 -28.34 0.20
CA LYS A 357 -26.72 -27.50 -0.88
C LYS A 357 -25.99 -26.36 -0.19
N PRO A 358 -24.82 -26.70 0.41
CA PRO A 358 -24.08 -25.74 1.21
C PRO A 358 -23.42 -24.71 0.33
N LEU A 359 -22.81 -23.72 0.95
CA LEU A 359 -22.07 -22.67 0.25
C LEU A 359 -20.61 -23.09 0.14
N THR A 360 -20.11 -23.16 -1.07
CA THR A 360 -18.71 -23.58 -1.29
C THR A 360 -18.04 -22.56 -2.20
N PHE A 361 -16.84 -22.11 -1.85
CA PHE A 361 -16.18 -21.11 -2.69
C PHE A 361 -14.66 -21.09 -2.48
N ASP A 362 -13.94 -20.30 -3.28
CA ASP A 362 -12.50 -20.25 -3.16
C ASP A 362 -11.98 -19.13 -2.27
N LEU A 363 -10.86 -19.40 -1.60
CA LEU A 363 -10.21 -18.36 -0.81
C LEU A 363 -8.82 -18.30 -1.48
N LEU A 364 -8.61 -17.21 -2.19
CA LEU A 364 -7.40 -17.00 -2.98
C LEU A 364 -6.40 -16.15 -2.18
N TYR A 365 -5.15 -16.59 -2.09
CA TYR A 365 -4.22 -15.81 -1.29
C TYR A 365 -2.87 -15.83 -1.99
N ASN A 366 -1.96 -14.91 -1.63
CA ASN A 366 -0.67 -14.94 -2.29
C ASN A 366 0.30 -15.86 -1.49
N THR A 367 0.98 -16.69 -2.26
CA THR A 367 1.94 -17.67 -1.71
C THR A 367 2.64 -17.05 -0.54
N SER A 368 2.42 -17.69 0.63
CA SER A 368 2.98 -17.24 1.88
C SER A 368 2.79 -18.21 3.06
N ASP A 369 3.71 -18.26 4.01
CA ASP A 369 3.51 -19.15 5.16
C ASP A 369 2.38 -18.62 6.03
N LEU A 370 2.58 -17.36 6.40
CA LEU A 370 1.57 -16.66 7.17
C LEU A 370 0.18 -16.67 6.57
N HIS A 371 -0.04 -16.33 5.29
CA HIS A 371 -1.42 -16.25 4.78
C HIS A 371 -2.00 -17.66 4.70
N LYS A 372 -1.25 -18.66 4.31
CA LYS A 372 -1.74 -20.03 4.26
C LYS A 372 -2.21 -20.50 5.68
N LYS A 373 -1.35 -20.29 6.69
CA LYS A 373 -1.78 -20.69 8.04
C LYS A 373 -3.07 -19.99 8.45
N LEU A 374 -3.14 -18.67 8.25
CA LEU A 374 -4.37 -17.92 8.49
C LEU A 374 -5.51 -18.36 7.56
N ALA A 375 -5.32 -18.72 6.30
CA ALA A 375 -6.46 -19.19 5.51
C ALA A 375 -7.02 -20.53 6.01
N ILE A 376 -6.12 -21.42 6.40
CA ILE A 376 -6.50 -22.74 6.95
C ILE A 376 -7.36 -22.52 8.18
N ALA A 377 -6.93 -21.69 9.12
CA ALA A 377 -7.67 -21.38 10.32
C ALA A 377 -9.03 -20.76 10.02
N VAL A 378 -9.08 -19.87 9.05
CA VAL A 378 -10.31 -19.20 8.66
C VAL A 378 -11.25 -20.23 8.04
N ALA A 379 -10.72 -21.09 7.19
CA ALA A 379 -11.50 -22.15 6.55
C ALA A 379 -12.23 -23.05 7.55
N SER A 380 -11.49 -23.51 8.55
CA SER A 380 -11.95 -24.34 9.65
C SER A 380 -12.97 -23.63 10.52
N ILE A 381 -12.73 -22.36 10.80
CA ILE A 381 -13.64 -21.55 11.60
C ILE A 381 -14.93 -21.39 10.83
N TRP A 382 -14.86 -21.03 9.56
CA TRP A 382 -16.06 -20.91 8.73
C TRP A 382 -16.76 -22.28 8.61
N LYS A 383 -16.02 -23.34 8.46
CA LYS A 383 -16.63 -24.68 8.38
C LYS A 383 -17.40 -24.96 9.68
N LYS A 384 -16.74 -24.82 10.79
CA LYS A 384 -17.30 -25.03 12.11
C LYS A 384 -18.47 -24.14 12.51
N ASN A 385 -18.27 -22.83 12.49
CA ASN A 385 -19.22 -21.83 12.85
C ASN A 385 -20.38 -21.64 11.88
N LEU A 386 -20.20 -21.99 10.61
CA LEU A 386 -21.27 -21.69 9.67
C LEU A 386 -21.56 -22.77 8.65
N GLY A 387 -20.80 -23.86 8.61
CA GLY A 387 -21.06 -24.90 7.62
C GLY A 387 -20.77 -24.57 6.16
N VAL A 388 -19.85 -23.61 5.89
CA VAL A 388 -19.49 -23.31 4.49
C VAL A 388 -18.18 -24.00 4.15
N ASN A 389 -17.98 -24.43 2.93
CA ASN A 389 -16.74 -25.12 2.55
C ASN A 389 -15.85 -24.19 1.72
N VAL A 390 -14.57 -24.10 2.12
CA VAL A 390 -13.76 -23.20 1.28
C VAL A 390 -12.59 -23.98 0.66
N ASN A 391 -12.32 -23.65 -0.59
CA ASN A 391 -11.19 -24.23 -1.30
C ASN A 391 -10.06 -23.18 -1.29
N LEU A 392 -8.93 -23.57 -0.70
CA LEU A 392 -7.81 -22.65 -0.66
C LEU A 392 -7.05 -22.64 -1.97
N GLU A 393 -6.55 -21.46 -2.40
CA GLU A 393 -5.77 -21.47 -3.67
C GLU A 393 -4.64 -20.45 -3.56
N ASN A 394 -3.36 -20.71 -3.85
CA ASN A 394 -2.35 -19.67 -3.65
C ASN A 394 -1.85 -19.28 -5.02
N GLN A 395 -1.46 -18.03 -5.25
CA GLN A 395 -0.98 -17.53 -6.51
C GLN A 395 0.25 -16.64 -6.25
N GLU A 396 1.23 -16.68 -7.14
CA GLU A 396 2.35 -15.75 -6.88
C GLU A 396 1.82 -14.30 -6.90
N TRP A 397 2.45 -13.42 -6.18
CA TRP A 397 2.08 -12.04 -5.99
C TRP A 397 1.60 -11.31 -7.22
N LYS A 398 2.40 -11.18 -8.27
CA LYS A 398 1.97 -10.47 -9.47
C LYS A 398 0.70 -11.03 -10.08
N THR A 399 0.63 -12.34 -10.23
CA THR A 399 -0.57 -12.96 -10.82
C THR A 399 -1.81 -12.73 -9.97
N PHE A 400 -1.62 -12.84 -8.66
CA PHE A 400 -2.66 -12.62 -7.67
C PHE A 400 -3.33 -11.25 -7.81
N LEU A 401 -2.49 -10.22 -7.93
CA LEU A 401 -3.09 -8.88 -8.08
C LEU A 401 -3.85 -8.81 -9.41
N ASP A 402 -3.33 -9.37 -10.49
CA ASP A 402 -4.05 -9.36 -11.76
C ASP A 402 -5.37 -10.13 -11.67
N THR A 403 -5.34 -11.27 -10.98
CA THR A 403 -6.62 -11.99 -10.76
C THR A 403 -7.69 -11.12 -10.11
N ARG A 404 -7.38 -10.34 -9.09
CA ARG A 404 -8.32 -9.50 -8.36
C ARG A 404 -8.79 -8.35 -9.25
N HIS A 405 -7.86 -7.77 -10.04
CA HIS A 405 -8.28 -6.76 -11.01
C HIS A 405 -9.22 -7.40 -12.04
N GLN A 406 -8.97 -8.60 -12.49
CA GLN A 406 -9.89 -9.29 -13.39
C GLN A 406 -11.24 -9.59 -12.79
N GLY A 407 -11.43 -9.70 -11.49
CA GLY A 407 -12.67 -9.85 -10.84
C GLY A 407 -13.64 -10.96 -11.11
N THR A 408 -13.17 -12.16 -11.20
CA THR A 408 -14.06 -13.32 -11.35
C THR A 408 -13.81 -14.30 -10.19
N PHE A 409 -12.90 -13.92 -9.29
CA PHE A 409 -12.50 -14.65 -8.11
C PHE A 409 -13.67 -14.68 -7.14
N ASP A 410 -13.54 -15.37 -6.03
CA ASP A 410 -14.62 -15.37 -5.03
C ASP A 410 -14.25 -14.41 -3.91
N VAL A 411 -13.37 -14.90 -3.03
CA VAL A 411 -12.85 -14.16 -1.90
C VAL A 411 -11.33 -14.14 -1.99
N ALA A 412 -10.68 -13.05 -1.59
CA ALA A 412 -9.26 -12.99 -1.61
C ALA A 412 -8.74 -12.39 -0.31
N ARG A 413 -7.51 -12.84 0.00
CA ARG A 413 -6.77 -12.42 1.16
C ARG A 413 -6.23 -11.00 0.82
N ALA A 414 -6.70 -10.00 1.49
CA ALA A 414 -6.30 -8.64 1.15
C ALA A 414 -5.66 -7.90 2.29
N GLY A 415 -4.89 -6.86 1.89
CA GLY A 415 -4.39 -5.93 2.85
C GLY A 415 -4.25 -4.55 2.16
N TRP A 416 -4.65 -3.54 2.85
CA TRP A 416 -4.46 -2.18 2.24
C TRP A 416 -3.67 -1.39 3.30
N CYS A 417 -2.59 -0.70 2.96
CA CYS A 417 -1.77 0.15 3.76
C CYS A 417 -1.91 1.62 3.26
N ALA A 418 -2.08 2.54 4.15
CA ALA A 418 -2.28 3.96 3.75
C ALA A 418 -1.14 4.40 2.79
N ASP A 419 -1.54 5.34 1.92
CA ASP A 419 -0.58 5.97 1.00
C ASP A 419 -0.34 7.38 1.52
N TYR A 420 -1.27 7.94 2.27
CA TYR A 420 -1.17 9.21 2.93
C TYR A 420 -1.98 9.08 4.21
N ASN A 421 -1.61 9.72 5.29
CA ASN A 421 -2.35 9.51 6.53
C ASN A 421 -3.58 10.37 6.70
N GLU A 422 -4.68 9.91 6.15
CA GLU A 422 -5.98 10.59 6.13
C GLU A 422 -6.97 9.51 5.71
N PRO A 423 -8.19 9.49 6.23
CA PRO A 423 -9.14 8.44 5.95
C PRO A 423 -9.44 8.14 4.49
N THR A 424 -9.38 9.13 3.58
CA THR A 424 -9.69 8.87 2.16
C THR A 424 -8.60 8.10 1.44
N SER A 425 -7.39 7.99 1.97
CA SER A 425 -6.41 7.06 1.39
C SER A 425 -7.00 5.64 1.39
N PHE A 426 -7.84 5.27 2.38
CA PHE A 426 -8.58 4.05 2.35
C PHE A 426 -9.92 4.19 1.61
N LEU A 427 -10.80 5.07 2.10
CA LEU A 427 -12.17 5.23 1.59
C LEU A 427 -12.32 5.41 0.09
N ASN A 428 -11.42 6.14 -0.54
CA ASN A 428 -11.43 6.41 -1.96
C ASN A 428 -11.32 5.17 -2.82
N THR A 429 -10.67 4.13 -2.23
CA THR A 429 -10.51 2.89 -2.93
C THR A 429 -11.82 2.13 -3.05
N MET A 430 -12.84 2.39 -2.27
CA MET A 430 -14.14 1.71 -2.50
C MET A 430 -15.14 2.58 -3.30
N LEU A 431 -14.67 3.67 -3.86
CA LEU A 431 -15.52 4.47 -4.78
C LEU A 431 -15.87 3.59 -5.95
N SER A 432 -17.09 3.64 -6.50
CA SER A 432 -17.48 2.83 -7.63
C SER A 432 -16.51 2.83 -8.79
N ASP A 433 -15.99 4.01 -9.18
CA ASP A 433 -15.08 4.00 -10.33
C ASP A 433 -13.61 3.97 -9.93
N SER A 434 -13.20 3.74 -8.70
CA SER A 434 -11.76 3.77 -8.37
C SER A 434 -11.01 2.70 -9.10
N SER A 435 -9.87 3.00 -9.69
CA SER A 435 -9.03 1.98 -10.31
C SER A 435 -8.51 0.99 -9.25
N ASN A 436 -8.49 1.36 -7.96
CA ASN A 436 -8.03 0.46 -6.91
C ASN A 436 -9.17 -0.42 -6.37
N ASN A 437 -10.41 -0.31 -6.89
CA ASN A 437 -11.52 -1.05 -6.35
C ASN A 437 -11.60 -2.51 -6.77
N THR A 438 -10.73 -3.37 -6.14
CA THR A 438 -10.76 -4.79 -6.45
C THR A 438 -11.88 -5.46 -5.68
N ALA A 439 -12.57 -4.84 -4.72
CA ALA A 439 -13.73 -5.45 -4.11
C ALA A 439 -14.90 -5.48 -5.11
N HIS A 440 -14.78 -4.63 -6.14
CA HIS A 440 -15.76 -4.44 -7.19
C HIS A 440 -17.09 -4.01 -6.56
N TYR A 441 -17.00 -3.17 -5.53
CA TYR A 441 -18.10 -2.65 -4.78
C TYR A 441 -18.58 -1.31 -5.40
N LYS A 442 -19.87 -1.18 -5.61
CA LYS A 442 -20.45 0.02 -6.21
C LYS A 442 -21.71 0.39 -5.43
N SER A 443 -21.57 1.46 -4.69
CA SER A 443 -22.59 2.06 -3.86
C SER A 443 -22.69 3.56 -4.10
N PRO A 444 -23.84 4.00 -4.66
CA PRO A 444 -24.12 5.40 -4.88
C PRO A 444 -24.17 6.14 -3.57
N ALA A 445 -24.72 5.52 -2.54
CA ALA A 445 -24.79 6.08 -1.20
C ALA A 445 -23.36 6.26 -0.65
N PHE A 446 -22.54 5.22 -0.86
CA PHE A 446 -21.14 5.39 -0.39
C PHE A 446 -20.46 6.52 -1.14
N ASP A 447 -20.54 6.56 -2.47
CA ASP A 447 -19.90 7.57 -3.28
C ASP A 447 -20.27 8.99 -2.87
N LYS A 448 -21.56 9.18 -2.59
CA LYS A 448 -22.09 10.48 -2.16
C LYS A 448 -21.46 10.97 -0.87
N LEU A 449 -21.48 10.07 0.12
CA LEU A 449 -20.84 10.37 1.41
C LEU A 449 -19.45 10.91 1.20
N ILE A 450 -18.57 10.23 0.45
CA ILE A 450 -17.22 10.71 0.23
C ILE A 450 -17.13 12.03 -0.55
N ALA A 451 -17.97 12.17 -1.59
CA ALA A 451 -17.98 13.36 -2.43
C ALA A 451 -18.29 14.56 -1.55
N ASP A 452 -19.20 14.38 -0.60
CA ASP A 452 -19.52 15.45 0.35
C ASP A 452 -18.40 15.88 1.24
N THR A 453 -17.38 15.08 1.55
CA THR A 453 -16.30 15.49 2.43
C THR A 453 -15.52 16.71 1.97
N LEU A 454 -15.35 16.97 0.68
CA LEU A 454 -14.63 18.19 0.31
C LEU A 454 -15.58 19.34 0.02
N LYS A 455 -16.89 19.14 0.14
CA LYS A 455 -17.90 20.16 -0.04
C LYS A 455 -18.11 20.95 1.26
N VAL A 456 -17.66 20.37 2.37
CA VAL A 456 -17.66 21.04 3.65
C VAL A 456 -16.24 21.58 3.82
N ALA A 457 -16.04 22.56 4.69
CA ALA A 457 -14.68 23.10 4.90
C ALA A 457 -14.42 22.98 6.41
N ASP A 458 -14.86 21.84 6.92
CA ASP A 458 -14.71 21.63 8.39
C ASP A 458 -14.27 20.20 8.66
N ASP A 459 -13.27 20.04 9.50
CA ASP A 459 -12.75 18.73 9.88
C ASP A 459 -13.72 17.87 10.64
N THR A 460 -14.56 18.44 11.50
CA THR A 460 -15.51 17.63 12.24
C THR A 460 -16.56 17.02 11.34
N GLN A 461 -17.10 17.87 10.45
CA GLN A 461 -18.13 17.34 9.54
C GLN A 461 -17.42 16.31 8.65
N ARG A 462 -16.17 16.56 8.25
CA ARG A 462 -15.49 15.55 7.45
C ARG A 462 -15.35 14.20 8.21
N SER A 463 -14.83 14.25 9.43
CA SER A 463 -14.65 13.01 10.21
C SER A 463 -15.95 12.27 10.41
N GLU A 464 -17.05 13.01 10.68
CA GLU A 464 -18.35 12.34 10.81
C GLU A 464 -18.79 11.71 9.51
N LEU A 465 -18.46 12.32 8.36
CA LEU A 465 -18.79 11.74 7.06
C LEU A 465 -17.91 10.49 6.80
N TYR A 466 -16.65 10.51 7.24
CA TYR A 466 -15.85 9.29 7.09
C TYR A 466 -16.45 8.18 7.99
N ALA A 467 -16.89 8.54 9.19
CA ALA A 467 -17.53 7.58 10.09
C ALA A 467 -18.74 6.96 9.39
N LYS A 468 -19.64 7.80 8.84
CA LYS A 468 -20.79 7.26 8.12
C LYS A 468 -20.43 6.45 6.90
N ALA A 469 -19.39 6.85 6.16
CA ALA A 469 -18.96 6.06 5.00
C ALA A 469 -18.58 4.66 5.48
N GLU A 470 -17.81 4.57 6.59
CA GLU A 470 -17.47 3.21 7.10
C GLU A 470 -18.72 2.48 7.51
N GLN A 471 -19.71 3.14 8.13
CA GLN A 471 -20.98 2.48 8.44
C GLN A 471 -21.71 2.02 7.18
N GLN A 472 -21.69 2.71 6.05
CA GLN A 472 -22.30 2.23 4.82
C GLN A 472 -21.56 0.97 4.36
N LEU A 473 -20.24 1.03 4.41
CA LEU A 473 -19.44 -0.13 3.96
C LEU A 473 -19.81 -1.39 4.74
N ASP A 474 -19.81 -1.28 6.06
CA ASP A 474 -20.17 -2.31 7.00
C ASP A 474 -21.60 -2.79 6.83
N LYS A 475 -22.52 -1.83 6.69
CA LYS A 475 -23.91 -2.18 6.43
C LYS A 475 -23.98 -3.10 5.22
N ASP A 476 -23.23 -2.78 4.16
CA ASP A 476 -23.24 -3.59 2.95
C ASP A 476 -22.35 -4.84 3.03
N SER A 477 -21.53 -4.96 4.05
CA SER A 477 -20.57 -6.05 4.21
C SER A 477 -19.79 -6.17 2.91
N ALA A 478 -19.17 -5.04 2.51
CA ALA A 478 -18.39 -5.04 1.28
C ALA A 478 -17.19 -5.99 1.50
N ILE A 479 -16.61 -5.94 2.71
CA ILE A 479 -15.45 -6.80 3.02
C ILE A 479 -15.67 -7.56 4.34
N VAL A 480 -14.70 -8.36 4.70
CA VAL A 480 -14.56 -9.03 5.98
C VAL A 480 -13.30 -8.50 6.64
N PRO A 481 -13.42 -7.50 7.50
CA PRO A 481 -12.29 -6.99 8.24
C PRO A 481 -11.81 -8.07 9.23
N VAL A 482 -10.49 -8.23 9.28
CA VAL A 482 -9.87 -9.24 10.13
C VAL A 482 -9.10 -8.58 11.28
N TYR A 483 -7.99 -7.91 10.97
CA TYR A 483 -7.28 -7.20 12.02
C TYR A 483 -6.62 -5.93 11.48
N TYR A 484 -6.18 -5.07 12.35
CA TYR A 484 -5.37 -3.91 11.95
C TYR A 484 -3.92 -4.34 12.19
N TYR A 485 -3.05 -4.27 11.21
CA TYR A 485 -1.70 -4.72 11.34
C TYR A 485 -0.94 -3.85 12.35
N VAL A 486 0.10 -4.52 12.88
CA VAL A 486 1.18 -3.88 13.58
C VAL A 486 2.33 -4.08 12.58
N ASN A 487 3.32 -3.22 12.55
CA ASN A 487 4.44 -3.43 11.63
C ASN A 487 5.53 -4.23 12.39
N ALA A 488 5.64 -5.52 12.14
CA ALA A 488 6.55 -6.39 12.84
C ALA A 488 7.60 -6.94 11.89
N ARG A 489 8.88 -6.68 12.15
CA ARG A 489 9.92 -7.24 11.31
C ARG A 489 11.20 -7.42 12.10
N LEU A 490 12.21 -8.08 11.51
CA LEU A 490 13.48 -8.17 12.20
C LEU A 490 14.47 -7.21 11.55
N VAL A 491 15.23 -6.44 12.34
CA VAL A 491 16.25 -5.55 11.83
C VAL A 491 17.56 -5.78 12.62
N LYS A 492 18.68 -6.00 11.94
CA LYS A 492 19.92 -6.33 12.67
C LYS A 492 20.31 -5.14 13.50
N PRO A 493 21.04 -5.41 14.59
CA PRO A 493 21.42 -4.32 15.51
C PRO A 493 22.33 -3.32 14.86
N TRP A 494 23.09 -3.67 13.84
CA TRP A 494 23.98 -2.73 13.14
C TRP A 494 23.24 -1.92 12.08
N VAL A 495 21.96 -2.15 11.81
CA VAL A 495 21.26 -1.24 10.86
C VAL A 495 20.82 0.04 11.57
N GLY A 496 21.46 1.17 11.27
CA GLY A 496 21.04 2.41 11.92
C GLY A 496 20.09 3.22 11.03
N GLY A 497 19.29 4.09 11.64
CA GLY A 497 18.38 5.01 10.95
C GLY A 497 16.93 4.61 10.81
N TYR A 498 16.56 3.41 11.23
CA TYR A 498 15.21 2.90 11.11
C TYR A 498 14.51 3.13 12.44
N THR A 499 13.71 4.18 12.52
CA THR A 499 13.06 4.54 13.77
C THR A 499 11.83 3.70 14.04
N GLY A 500 11.10 3.29 13.02
CA GLY A 500 9.82 2.59 13.23
C GLY A 500 8.73 3.61 13.59
N LYS A 501 9.00 4.93 13.58
CA LYS A 501 8.00 5.92 13.93
C LYS A 501 7.06 6.25 12.76
N ASP A 502 7.39 5.87 11.54
CA ASP A 502 6.51 6.12 10.41
C ASP A 502 5.44 5.06 10.30
N PRO A 503 4.17 5.42 10.53
CA PRO A 503 3.04 4.52 10.47
C PRO A 503 2.72 4.07 9.05
N LEU A 504 3.32 4.72 8.05
CA LEU A 504 3.15 4.24 6.68
C LEU A 504 4.36 3.37 6.29
N ASP A 505 5.43 3.35 7.08
CA ASP A 505 6.64 2.58 6.76
C ASP A 505 7.22 2.87 5.41
N ASN A 506 7.31 4.17 5.06
CA ASN A 506 7.91 4.60 3.79
C ASN A 506 9.42 4.72 3.99
N ILE A 507 10.15 3.60 4.01
CA ILE A 507 11.58 3.66 4.24
C ILE A 507 12.34 4.05 2.98
N TYR A 508 13.37 4.82 3.14
CA TYR A 508 14.31 5.18 2.09
C TYR A 508 15.69 4.60 2.52
N VAL A 509 16.30 3.78 1.69
CA VAL A 509 17.63 3.25 2.06
C VAL A 509 18.64 4.37 2.14
N LYS A 510 18.43 5.53 1.44
CA LYS A 510 19.38 6.66 1.65
C LYS A 510 19.44 7.16 3.07
N ASN A 511 18.50 6.85 3.95
CA ASN A 511 18.47 7.31 5.31
C ASN A 511 19.13 6.28 6.25
N LEU A 512 19.49 5.11 5.76
CA LEU A 512 20.03 4.09 6.66
C LEU A 512 21.55 4.09 6.70
N TYR A 513 22.15 3.37 7.64
CA TYR A 513 23.60 3.24 7.70
C TYR A 513 24.03 1.95 8.45
N ILE A 514 25.20 1.44 8.09
CA ILE A 514 25.70 0.22 8.75
C ILE A 514 26.74 0.59 9.79
N ILE A 515 26.40 0.26 11.05
CA ILE A 515 27.29 0.50 12.17
C ILE A 515 28.37 -0.59 12.20
N LYS A 516 29.58 -0.22 12.59
CA LYS A 516 30.68 -1.15 12.66
C LYS A 516 30.30 -2.31 13.62
N HIS A 517 30.38 -3.50 13.11
CA HIS A 517 30.07 -4.66 13.96
C HIS A 517 31.03 -5.83 13.66
N LYS B 1 -1.83 1.40 -0.76
CA LYS B 1 -1.05 0.37 -1.53
C LYS B 1 -1.35 -1.06 -1.02
N ILE B 2 -1.28 -2.05 -1.86
CA ILE B 2 -1.61 -3.42 -1.50
C ILE B 2 -0.46 -4.15 -0.77
N LYS B 3 -0.85 -4.76 0.37
CA LYS B 3 0.05 -5.53 1.18
C LYS B 3 -0.47 -6.99 1.31
U IUM C . -2.50 15.88 11.36
U IUM D . -4.07 21.74 8.77
U IUM E . -8.10 22.64 8.14
U IUM F . 5.62 -23.79 7.24
U IUM G . -15.22 -20.52 -7.36
U IUM H . 33.14 -8.11 11.83
U IUM I . 34.61 -7.77 8.12
U IUM J . 37.84 -3.85 6.17
#